data_3RS9
#
_entry.id   3RS9
#
_cell.length_a   122.073
_cell.length_b   122.073
_cell.length_c   155.292
_cell.angle_alpha   90.00
_cell.angle_beta   90.00
_cell.angle_gamma   90.00
#
_symmetry.space_group_name_H-M   'I 4 2 2'
#
loop_
_entity.id
_entity.type
_entity.pdbx_description
1 polymer 'Putative uncharacterized protein'
2 polymer 'Unknown peptide, probably from expression host'
3 non-polymer 'POTASSIUM ION'
4 non-polymer 'MAGNESIUM ION'
5 non-polymer "BIS(ADENOSINE)-5'-TRIPHOSPHATE"
6 non-polymer GLYCEROL
7 water water
#
loop_
_entity_poly.entity_id
_entity_poly.type
_entity_poly.pdbx_seq_one_letter_code
_entity_poly.pdbx_strand_id
1 'polypeptide(L)'
;MGSDKIHHHHHHMKEIDELTIKEYGVDSRILMERAGISVVLAMEEELGNLSDYRFLVLCGGGNNGGDGFVVARNLLGVVK
DVLVVFLGKKKTPDCEYNYGLYKKFGGKVVEQFEPSILNEFDVVVDAIFGTGLRGEITGEYAEIINLVNKSGKVVVSVDV
PSGIDSNTGKVLRTAVKADLTVTFGVPKIGHILFPGRDLTGKLKVANIGHPVHLINSINRYVITREMVRSLLPERPRDSH
KGTYGKVLIIAGSRLYSGAPVLSGMGSLKVGTGLVKLAVPFPQNLIATSRFPELISVPIDTEKGFFSLQNLQECLELSKD
VDVVAIGPGLGNNEHVREFVNEFLKTLEKPAVIDADAINVLDTSVLKERKSPAVLTPHPGEMARLVKKTVGDVKYNYELA
EEFAKENDCVLVLKSATTIVTDGEKTLFNITGNTGLSKGGSGDVLTGMIAGFIAQGLSPLEASTVSVYLHGFAAELFEQD
ERGLTASELLRLIPEAIRRLKE
;
A
2 'polypeptide(L)' AWLFEA B
#
loop_
_chem_comp.id
_chem_comp.type
_chem_comp.name
_chem_comp.formula
BA3 non-polymer BIS(ADENOSINE)-5'-TRIPHOSPHATE 'C20 H27 N10 O16 P3'
GOL non-polymer GLYCEROL 'C3 H8 O3'
K non-polymer 'POTASSIUM ION' 'K 1'
MG non-polymer 'MAGNESIUM ION' 'Mg 2'
#
# COMPACT_ATOMS: atom_id res chain seq x y z
N HIS A 12 -17.95 -1.15 2.47
CA HIS A 12 -17.83 -0.26 1.31
C HIS A 12 -18.52 1.08 1.53
N MET A 13 -18.03 2.07 0.80
CA MET A 13 -18.71 3.35 0.67
C MET A 13 -20.15 3.23 0.12
N LYS A 14 -20.46 2.20 -0.66
CA LYS A 14 -21.83 2.05 -1.15
C LYS A 14 -22.77 1.93 0.08
N GLU A 15 -22.32 1.18 1.09
CA GLU A 15 -23.06 1.04 2.35
C GLU A 15 -23.09 2.32 3.16
N ILE A 16 -22.00 3.08 3.10
CA ILE A 16 -21.90 4.34 3.83
C ILE A 16 -22.83 5.35 3.22
N ASP A 17 -22.84 5.44 1.90
CA ASP A 17 -23.84 6.25 1.22
C ASP A 17 -25.28 5.86 1.66
N GLU A 18 -25.60 4.56 1.65
CA GLU A 18 -26.96 4.11 1.93
C GLU A 18 -27.42 4.49 3.32
N LEU A 19 -26.58 4.23 4.31
CA LEU A 19 -26.89 4.58 5.67
C LEU A 19 -27.06 6.10 5.79
N THR A 20 -26.18 6.87 5.14
CA THR A 20 -26.23 8.33 5.27
C THR A 20 -27.57 8.86 4.73
N ILE A 21 -28.05 8.26 3.64
CA ILE A 21 -29.37 8.62 3.10
C ILE A 21 -30.52 8.02 3.93
N LYS A 22 -30.55 6.72 4.03
CA LYS A 22 -31.69 6.06 4.63
C LYS A 22 -31.82 6.23 6.16
N GLU A 23 -30.73 6.20 6.90
CA GLU A 23 -30.83 6.28 8.38
C GLU A 23 -30.57 7.67 8.90
N TYR A 24 -29.63 8.40 8.33
CA TYR A 24 -29.27 9.73 8.82
C TYR A 24 -30.16 10.75 8.14
N GLY A 25 -30.65 10.47 6.96
CA GLY A 25 -31.67 11.37 6.40
C GLY A 25 -31.15 12.43 5.49
N VAL A 26 -29.89 12.29 5.07
CA VAL A 26 -29.32 13.24 4.11
C VAL A 26 -29.86 12.92 2.73
N ASP A 27 -30.48 13.88 2.08
CA ASP A 27 -31.02 13.68 0.73
C ASP A 27 -29.89 13.26 -0.21
N SER A 28 -30.13 12.24 -1.06
CA SER A 28 -29.10 11.76 -1.99
C SER A 28 -28.69 12.92 -2.94
N ARG A 29 -29.61 13.83 -3.26
CA ARG A 29 -29.24 14.96 -4.06
C ARG A 29 -28.16 15.86 -3.43
N ILE A 30 -28.18 15.99 -2.11
CA ILE A 30 -27.22 16.79 -1.33
C ILE A 30 -25.80 16.20 -1.42
N LEU A 31 -25.70 14.88 -1.22
CA LEU A 31 -24.46 14.15 -1.39
C LEU A 31 -23.94 14.34 -2.81
N MET A 32 -24.84 14.24 -3.78
CA MET A 32 -24.41 14.37 -5.17
C MET A 32 -23.92 15.82 -5.48
N GLU A 33 -24.62 16.81 -4.93
CA GLU A 33 -24.17 18.19 -5.09
C GLU A 33 -22.81 18.45 -4.47
N ARG A 34 -22.63 18.00 -3.23
CA ARG A 34 -21.34 18.13 -2.57
C ARG A 34 -20.21 17.40 -3.33
N ALA A 35 -20.48 16.20 -3.87
CA ALA A 35 -19.49 15.47 -4.70
C ALA A 35 -19.04 16.35 -5.90
N GLY A 36 -20.01 16.89 -6.61
CA GLY A 36 -19.66 17.62 -7.83
C GLY A 36 -18.93 18.92 -7.53
N ILE A 37 -19.35 19.63 -6.51
CA ILE A 37 -18.61 20.85 -6.16
C ILE A 37 -17.22 20.54 -5.65
N SER A 38 -17.03 19.44 -4.95
CA SER A 38 -15.71 19.00 -4.53
C SER A 38 -14.76 18.86 -5.71
N VAL A 39 -15.29 18.29 -6.78
CA VAL A 39 -14.53 18.15 -8.03
C VAL A 39 -14.10 19.51 -8.59
N VAL A 40 -15.01 20.48 -8.60
CA VAL A 40 -14.72 21.83 -9.12
C VAL A 40 -13.60 22.42 -8.30
N LEU A 41 -13.72 22.33 -6.98
CA LEU A 41 -12.74 22.95 -6.11
C LEU A 41 -11.40 22.28 -6.22
N ALA A 42 -11.38 20.96 -6.34
CA ALA A 42 -10.14 20.20 -6.51
C ALA A 42 -9.44 20.63 -7.85
N MET A 43 -10.24 20.85 -8.88
CA MET A 43 -9.70 21.24 -10.16
C MET A 43 -9.08 22.64 -10.11
N GLU A 44 -9.75 23.52 -9.38
CA GLU A 44 -9.22 24.87 -9.17
C GLU A 44 -7.86 24.88 -8.42
N GLU A 45 -7.78 24.08 -7.37
CA GLU A 45 -6.55 23.85 -6.62
C GLU A 45 -5.43 23.32 -7.53
N GLU A 46 -5.73 22.47 -8.49
CA GLU A 46 -4.71 21.95 -9.38
C GLU A 46 -4.41 22.83 -10.61
N LEU A 47 -5.43 23.44 -11.19
CA LEU A 47 -5.26 24.21 -12.42
C LEU A 47 -5.14 25.71 -12.18
N GLY A 48 -5.45 26.17 -10.97
CA GLY A 48 -5.51 27.59 -10.71
C GLY A 48 -6.84 28.05 -11.22
N ASN A 49 -6.96 29.33 -11.50
CA ASN A 49 -8.19 29.88 -12.07
C ASN A 49 -8.71 29.08 -13.28
N LEU A 50 -9.97 28.67 -13.21
CA LEU A 50 -10.61 27.83 -14.20
C LEU A 50 -11.17 28.61 -15.39
N SER A 51 -11.19 29.94 -15.32
CA SER A 51 -11.98 30.68 -16.29
C SER A 51 -11.43 30.65 -17.71
N ASP A 52 -10.13 30.40 -17.92
CA ASP A 52 -9.61 30.29 -19.29
C ASP A 52 -9.73 28.90 -19.93
N TYR A 53 -10.19 27.90 -19.20
CA TYR A 53 -10.20 26.52 -19.73
C TYR A 53 -11.55 26.12 -20.35
N ARG A 54 -11.48 25.25 -21.34
CA ARG A 54 -12.67 24.69 -21.92
C ARG A 54 -12.79 23.27 -21.39
N PHE A 55 -13.95 22.91 -20.86
CA PHE A 55 -14.22 21.58 -20.26
C PHE A 55 -15.15 20.67 -21.07
N LEU A 56 -14.69 19.44 -21.33
CA LEU A 56 -15.50 18.36 -21.91
C LEU A 56 -15.83 17.36 -20.81
N VAL A 57 -17.11 17.18 -20.54
CA VAL A 57 -17.52 16.33 -19.42
C VAL A 57 -18.20 15.10 -20.02
N LEU A 58 -17.70 13.93 -19.66
CA LEU A 58 -18.17 12.69 -20.23
C LEU A 58 -18.96 12.05 -19.12
N CYS A 59 -20.27 11.92 -19.32
CA CYS A 59 -21.17 11.43 -18.31
C CYS A 59 -21.83 10.14 -18.73
N GLY A 60 -21.75 9.14 -17.83
CA GLY A 60 -22.53 7.90 -17.96
C GLY A 60 -23.92 8.15 -17.35
N GLY A 61 -24.75 7.13 -17.43
CA GLY A 61 -26.10 7.20 -16.94
C GLY A 61 -26.31 6.94 -15.46
N GLY A 62 -25.23 6.60 -14.74
CA GLY A 62 -25.27 6.29 -13.33
C GLY A 62 -25.04 7.49 -12.47
N ASN A 63 -24.85 7.25 -11.18
CA ASN A 63 -24.60 8.34 -10.28
C ASN A 63 -23.25 9.02 -10.51
N ASN A 64 -22.32 8.33 -11.10
CA ASN A 64 -21.05 8.92 -11.44
C ASN A 64 -21.31 10.03 -12.46
N GLY A 65 -22.11 9.69 -13.46
CA GLY A 65 -22.48 10.68 -14.44
C GLY A 65 -23.26 11.82 -13.84
N GLY A 66 -24.13 11.49 -12.88
CA GLY A 66 -24.89 12.56 -12.18
C GLY A 66 -23.91 13.54 -11.50
N ASP A 67 -22.89 13.01 -10.86
CA ASP A 67 -21.85 13.87 -10.28
C ASP A 67 -21.23 14.76 -11.38
N GLY A 68 -20.99 14.17 -12.55
CA GLY A 68 -20.50 14.92 -13.70
C GLY A 68 -21.42 16.06 -14.15
N PHE A 69 -22.74 15.82 -14.20
CA PHE A 69 -23.69 16.89 -14.51
C PHE A 69 -23.64 18.01 -13.51
N VAL A 70 -23.41 17.69 -12.25
CA VAL A 70 -23.22 18.73 -11.22
C VAL A 70 -21.95 19.58 -11.48
N VAL A 71 -20.86 18.91 -11.82
CA VAL A 71 -19.64 19.59 -12.21
C VAL A 71 -19.90 20.53 -13.36
N ALA A 72 -20.53 19.99 -14.42
CA ALA A 72 -20.76 20.76 -15.65
C ALA A 72 -21.63 21.95 -15.34
N ARG A 73 -22.70 21.74 -14.57
CA ARG A 73 -23.59 22.82 -14.25
C ARG A 73 -22.89 23.93 -13.49
N ASN A 74 -22.06 23.56 -12.54
CA ASN A 74 -21.31 24.52 -11.73
C ASN A 74 -20.16 25.27 -12.45
N LEU A 75 -19.76 24.79 -13.65
CA LEU A 75 -18.81 25.52 -14.48
C LEU A 75 -19.49 26.49 -15.45
N LEU A 76 -20.81 26.33 -15.68
CA LEU A 76 -21.52 27.16 -16.62
C LEU A 76 -21.40 28.63 -16.24
N GLY A 77 -21.16 29.47 -17.25
CA GLY A 77 -21.05 30.89 -17.07
C GLY A 77 -19.79 31.40 -16.40
N VAL A 78 -18.91 30.50 -16.01
CA VAL A 78 -17.74 30.81 -15.21
C VAL A 78 -16.44 30.40 -15.89
N VAL A 79 -16.51 29.46 -16.84
CA VAL A 79 -15.35 29.05 -17.62
C VAL A 79 -15.56 29.37 -19.13
N LYS A 80 -14.55 29.10 -19.96
CA LYS A 80 -14.62 29.45 -21.36
C LYS A 80 -15.68 28.68 -22.14
N ASP A 81 -15.73 27.37 -21.96
CA ASP A 81 -16.72 26.54 -22.61
C ASP A 81 -16.88 25.28 -21.79
N VAL A 82 -18.11 24.76 -21.80
CA VAL A 82 -18.46 23.46 -21.22
C VAL A 82 -19.34 22.71 -22.19
N LEU A 83 -19.04 21.46 -22.41
CA LEU A 83 -19.91 20.57 -23.20
C LEU A 83 -19.99 19.23 -22.45
N VAL A 84 -21.18 18.68 -22.31
CA VAL A 84 -21.36 17.31 -21.82
C VAL A 84 -21.64 16.38 -23.01
N VAL A 85 -20.92 15.27 -23.10
CA VAL A 85 -21.27 14.15 -23.96
C VAL A 85 -21.89 13.10 -23.02
N PHE A 86 -23.16 12.83 -23.22
CA PHE A 86 -23.89 11.89 -22.39
C PHE A 86 -23.83 10.58 -23.15
N LEU A 87 -23.18 9.60 -22.54
CA LEU A 87 -22.86 8.31 -23.21
C LEU A 87 -23.75 7.18 -22.76
N GLY A 88 -24.53 7.36 -21.71
CA GLY A 88 -25.40 6.29 -21.25
C GLY A 88 -26.67 6.07 -22.06
N LYS A 89 -27.47 5.12 -21.58
CA LYS A 89 -28.76 4.84 -22.15
C LYS A 89 -29.77 5.46 -21.23
N LYS A 90 -29.98 4.91 -20.05
CA LYS A 90 -30.94 5.49 -19.12
C LYS A 90 -30.19 6.26 -18.03
N LYS A 91 -30.91 7.02 -17.22
CA LYS A 91 -30.30 7.78 -16.16
C LYS A 91 -30.93 7.36 -14.85
N THR A 92 -30.11 7.21 -13.82
CA THR A 92 -30.67 7.00 -12.50
C THR A 92 -31.43 8.30 -12.09
N PRO A 93 -32.24 8.21 -11.03
CA PRO A 93 -33.04 9.38 -10.66
C PRO A 93 -32.18 10.64 -10.35
N ASP A 94 -31.11 10.48 -9.60
CA ASP A 94 -30.27 11.63 -9.32
C ASP A 94 -29.52 12.10 -10.56
N CYS A 95 -29.06 11.21 -11.45
CA CYS A 95 -28.44 11.66 -12.69
C CYS A 95 -29.46 12.42 -13.55
N GLU A 96 -30.68 11.92 -13.59
CA GLU A 96 -31.76 12.59 -14.31
C GLU A 96 -32.08 13.98 -13.73
N TYR A 97 -32.12 14.12 -12.42
CA TYR A 97 -32.40 15.41 -11.81
C TYR A 97 -31.31 16.40 -12.19
N ASN A 98 -30.06 15.97 -12.07
CA ASN A 98 -28.93 16.78 -12.43
C ASN A 98 -28.78 17.13 -13.91
N TYR A 99 -29.12 16.18 -14.77
CA TYR A 99 -29.14 16.43 -16.19
C TYR A 99 -30.16 17.53 -16.49
N GLY A 100 -31.30 17.44 -15.83
CA GLY A 100 -32.34 18.44 -15.99
C GLY A 100 -31.88 19.81 -15.54
N LEU A 101 -31.19 19.88 -14.41
CA LEU A 101 -30.65 21.14 -13.92
C LEU A 101 -29.62 21.72 -14.87
N TYR A 102 -28.78 20.87 -15.43
CA TYR A 102 -27.72 21.33 -16.31
C TYR A 102 -28.36 21.98 -17.52
N LYS A 103 -29.38 21.37 -18.07
CA LYS A 103 -30.08 21.99 -19.22
C LYS A 103 -30.88 23.25 -18.88
N LYS A 104 -31.57 23.27 -17.73
CA LYS A 104 -32.32 24.45 -17.28
C LYS A 104 -31.36 25.63 -17.13
N PHE A 105 -30.12 25.35 -16.70
CA PHE A 105 -29.12 26.40 -16.56
C PHE A 105 -28.52 26.81 -17.89
N GLY A 106 -28.93 26.21 -19.01
CA GLY A 106 -28.44 26.58 -20.34
C GLY A 106 -27.28 25.72 -20.83
N GLY A 107 -27.08 24.54 -20.28
CA GLY A 107 -25.93 23.76 -20.67
C GLY A 107 -26.19 22.94 -21.92
N LYS A 108 -25.13 22.68 -22.68
CA LYS A 108 -25.24 21.88 -23.90
C LYS A 108 -24.84 20.42 -23.65
N VAL A 109 -25.69 19.52 -24.14
CA VAL A 109 -25.41 18.09 -24.09
C VAL A 109 -25.43 17.57 -25.50
N VAL A 110 -24.53 16.65 -25.83
CA VAL A 110 -24.67 15.88 -27.07
C VAL A 110 -24.57 14.41 -26.63
N GLU A 111 -25.12 13.52 -27.47
CA GLU A 111 -25.15 12.09 -27.19
C GLU A 111 -24.27 11.28 -28.12
N GLN A 112 -23.57 11.94 -29.02
CA GLN A 112 -22.61 11.26 -29.88
C GLN A 112 -21.24 11.91 -29.71
N PHE A 113 -20.25 11.04 -29.52
CA PHE A 113 -18.87 11.41 -29.31
C PHE A 113 -18.20 11.45 -30.65
N GLU A 114 -17.75 12.62 -31.04
CA GLU A 114 -17.00 12.76 -32.28
C GLU A 114 -15.49 12.85 -31.94
N PRO A 115 -14.66 11.93 -32.46
CA PRO A 115 -13.20 11.93 -32.16
C PRO A 115 -12.51 13.30 -32.19
N SER A 116 -12.79 14.10 -33.22
CA SER A 116 -12.29 15.47 -33.29
C SER A 116 -12.81 16.45 -32.20
N ILE A 117 -13.87 16.09 -31.47
CA ILE A 117 -14.39 16.98 -30.41
C ILE A 117 -13.30 17.30 -29.37
N LEU A 118 -12.42 16.33 -29.10
CA LEU A 118 -11.31 16.49 -28.14
C LEU A 118 -10.46 17.72 -28.44
N ASN A 119 -10.28 18.01 -29.72
CA ASN A 119 -9.55 19.21 -30.17
C ASN A 119 -9.98 20.53 -29.59
N GLU A 120 -11.28 20.70 -29.36
CA GLU A 120 -11.82 21.98 -28.93
C GLU A 120 -11.85 22.15 -27.40
N PHE A 121 -11.20 21.25 -26.65
CA PHE A 121 -11.26 21.31 -25.18
C PHE A 121 -9.89 21.10 -24.52
N ASP A 122 -9.72 21.64 -23.32
CA ASP A 122 -8.45 21.60 -22.60
C ASP A 122 -8.47 20.56 -21.47
N VAL A 123 -9.65 20.35 -20.88
CA VAL A 123 -9.83 19.44 -19.75
C VAL A 123 -10.98 18.52 -20.03
N VAL A 124 -10.73 17.20 -19.89
CA VAL A 124 -11.74 16.17 -19.93
C VAL A 124 -12.09 15.75 -18.50
N VAL A 125 -13.38 15.83 -18.17
CA VAL A 125 -13.87 15.39 -16.88
C VAL A 125 -14.49 14.04 -17.15
N ASP A 126 -13.89 13.00 -16.60
CA ASP A 126 -14.32 11.60 -16.79
C ASP A 126 -15.29 11.19 -15.68
N ALA A 127 -16.58 11.24 -16.01
CA ALA A 127 -17.67 10.83 -15.11
C ALA A 127 -18.48 9.73 -15.80
N ILE A 128 -17.79 8.83 -16.49
CA ILE A 128 -18.45 7.77 -17.25
C ILE A 128 -18.91 6.62 -16.32
N PHE A 129 -17.96 5.95 -15.67
CA PHE A 129 -18.27 4.88 -14.69
C PHE A 129 -17.57 5.13 -13.36
N GLY A 130 -18.25 4.88 -12.26
CA GLY A 130 -17.57 4.98 -10.97
C GLY A 130 -17.38 3.62 -10.33
N THR A 131 -17.83 3.52 -9.08
CA THR A 131 -17.73 2.26 -8.36
C THR A 131 -18.81 1.28 -8.81
N GLY A 132 -19.71 1.71 -9.70
CA GLY A 132 -20.78 0.85 -10.24
C GLY A 132 -20.41 0.12 -11.52
N LEU A 133 -19.11 0.09 -11.83
CA LEU A 133 -18.58 -0.60 -13.00
C LEU A 133 -18.71 -2.10 -12.80
N ARG A 134 -19.33 -2.76 -13.78
CA ARG A 134 -19.48 -4.20 -13.78
C ARG A 134 -18.98 -4.72 -15.14
N GLY A 135 -17.87 -5.44 -15.13
CA GLY A 135 -17.43 -6.13 -16.30
C GLY A 135 -16.53 -5.33 -17.17
N GLU A 136 -15.94 -6.04 -18.14
CA GLU A 136 -15.00 -5.48 -19.11
C GLU A 136 -15.67 -4.34 -19.88
N ILE A 137 -14.94 -3.24 -20.07
CA ILE A 137 -15.41 -2.16 -20.95
C ILE A 137 -15.09 -2.50 -22.41
N THR A 138 -16.12 -2.55 -23.24
CA THR A 138 -15.93 -2.79 -24.67
C THR A 138 -16.73 -1.78 -25.50
N GLY A 139 -16.66 -1.94 -26.81
CA GLY A 139 -17.49 -1.19 -27.72
C GLY A 139 -17.11 0.26 -27.70
N GLU A 140 -18.10 1.12 -27.85
CA GLU A 140 -17.87 2.53 -28.00
C GLU A 140 -17.37 3.15 -26.72
N TYR A 141 -17.70 2.59 -25.56
CA TYR A 141 -17.14 3.13 -24.30
C TYR A 141 -15.61 3.01 -24.34
N ALA A 142 -15.12 1.86 -24.82
CA ALA A 142 -13.69 1.61 -24.93
C ALA A 142 -13.00 2.56 -25.90
N GLU A 143 -13.61 2.79 -27.07
CA GLU A 143 -13.04 3.71 -28.08
C GLU A 143 -12.94 5.12 -27.56
N ILE A 144 -13.96 5.55 -26.82
CA ILE A 144 -13.94 6.87 -26.24
C ILE A 144 -12.79 6.98 -25.22
N ILE A 145 -12.66 5.96 -24.36
CA ILE A 145 -11.63 5.97 -23.33
C ILE A 145 -10.24 5.94 -23.97
N ASN A 146 -10.08 5.16 -25.02
CA ASN A 146 -8.81 5.10 -25.75
C ASN A 146 -8.46 6.44 -26.44
N LEU A 147 -9.45 7.08 -27.07
CA LEU A 147 -9.34 8.43 -27.60
C LEU A 147 -8.94 9.45 -26.53
N VAL A 148 -9.60 9.42 -25.38
CA VAL A 148 -9.24 10.34 -24.30
C VAL A 148 -7.76 10.13 -23.86
N ASN A 149 -7.36 8.88 -23.61
CA ASN A 149 -5.95 8.55 -23.29
C ASN A 149 -4.89 8.92 -24.34
N LYS A 150 -5.26 9.02 -25.62
CA LYS A 150 -4.31 9.44 -26.64
C LYS A 150 -4.33 10.94 -26.81
N SER A 151 -5.18 11.67 -26.11
CA SER A 151 -5.47 13.04 -26.53
C SER A 151 -4.48 14.07 -26.02
N GLY A 152 -3.72 13.72 -24.98
CA GLY A 152 -2.82 14.66 -24.30
C GLY A 152 -3.50 15.79 -23.51
N LYS A 153 -4.79 15.66 -23.23
CA LYS A 153 -5.48 16.67 -22.47
C LYS A 153 -5.36 16.36 -20.99
N VAL A 154 -5.59 17.35 -20.17
CA VAL A 154 -5.73 17.15 -18.73
C VAL A 154 -7.01 16.35 -18.43
N VAL A 155 -6.87 15.24 -17.71
CA VAL A 155 -7.99 14.36 -17.37
C VAL A 155 -8.22 14.33 -15.86
N VAL A 156 -9.45 14.66 -15.47
CA VAL A 156 -9.89 14.65 -14.09
C VAL A 156 -10.95 13.56 -14.01
N SER A 157 -10.72 12.53 -13.20
CA SER A 157 -11.69 11.48 -13.01
C SER A 157 -12.54 11.68 -11.75
N VAL A 158 -13.83 11.50 -11.92
CA VAL A 158 -14.75 11.59 -10.85
C VAL A 158 -14.82 10.23 -10.13
N ASP A 159 -14.46 10.24 -8.85
CA ASP A 159 -14.50 9.08 -7.93
C ASP A 159 -13.40 8.04 -8.18
N VAL A 160 -13.40 7.45 -9.36
CA VAL A 160 -12.37 6.50 -9.79
C VAL A 160 -12.23 6.62 -11.30
N PRO A 161 -11.03 6.53 -11.83
CA PRO A 161 -10.91 6.53 -13.29
C PRO A 161 -11.77 5.43 -13.92
N SER A 162 -12.56 5.77 -14.93
CA SER A 162 -13.50 4.82 -15.50
C SER A 162 -12.76 3.61 -16.05
N GLY A 163 -13.17 2.42 -15.66
CA GLY A 163 -12.47 1.24 -16.07
C GLY A 163 -11.62 0.62 -14.98
N ILE A 164 -11.35 1.32 -13.90
CA ILE A 164 -10.72 0.64 -12.76
C ILE A 164 -11.78 -0.01 -11.87
N ASP A 165 -11.62 -1.27 -11.52
CA ASP A 165 -12.46 -1.91 -10.47
C ASP A 165 -12.05 -1.38 -9.13
N SER A 166 -12.99 -0.75 -8.46
CA SER A 166 -12.68 0.00 -7.32
C SER A 166 -12.41 -0.87 -6.08
N ASN A 167 -12.73 -2.15 -6.14
CA ASN A 167 -12.42 -3.09 -5.08
C ASN A 167 -11.08 -3.81 -5.24
N THR A 168 -10.51 -3.84 -6.44
CA THR A 168 -9.30 -4.59 -6.67
C THR A 168 -8.13 -3.74 -7.29
N GLY A 169 -8.46 -2.65 -7.97
CA GLY A 169 -7.46 -1.86 -8.72
C GLY A 169 -7.10 -2.44 -10.10
N LYS A 170 -7.79 -3.49 -10.52
CA LYS A 170 -7.62 -4.02 -11.86
C LYS A 170 -8.27 -3.19 -12.94
N VAL A 171 -7.68 -3.25 -14.14
CA VAL A 171 -8.21 -2.59 -15.31
C VAL A 171 -9.20 -3.56 -15.96
N LEU A 172 -10.44 -3.12 -16.15
CA LEU A 172 -11.45 -3.96 -16.79
C LEU A 172 -11.43 -3.67 -18.31
N ARG A 173 -10.45 -4.32 -18.93
CA ARG A 173 -10.07 -4.22 -20.34
C ARG A 173 -9.41 -2.90 -20.72
N THR A 174 -10.08 -1.79 -20.46
CA THR A 174 -9.44 -0.50 -20.66
C THR A 174 -9.93 0.48 -19.59
N ALA A 175 -9.08 1.45 -19.28
CA ALA A 175 -9.36 2.43 -18.22
C ALA A 175 -8.75 3.78 -18.53
N VAL A 176 -9.40 4.81 -18.02
CA VAL A 176 -8.96 6.17 -18.21
C VAL A 176 -7.69 6.37 -17.40
N LYS A 177 -6.72 7.06 -17.97
CA LYS A 177 -5.55 7.47 -17.22
C LYS A 177 -5.72 8.93 -16.81
N ALA A 178 -5.89 9.18 -15.52
CA ALA A 178 -6.23 10.52 -15.02
C ALA A 178 -4.98 11.28 -14.52
N ASP A 179 -5.01 12.59 -14.66
CA ASP A 179 -4.01 13.45 -13.96
C ASP A 179 -4.41 13.68 -12.52
N LEU A 180 -5.72 13.75 -12.30
CA LEU A 180 -6.30 14.07 -11.00
C LEU A 180 -7.57 13.22 -10.83
N THR A 181 -7.69 12.54 -9.71
CA THR A 181 -8.90 11.82 -9.35
C THR A 181 -9.43 12.40 -8.05
N VAL A 182 -10.72 12.70 -8.03
CA VAL A 182 -11.36 13.18 -6.82
C VAL A 182 -12.34 12.15 -6.32
N THR A 183 -12.08 11.55 -5.16
CA THR A 183 -12.97 10.53 -4.63
C THR A 183 -13.66 11.02 -3.35
N PHE A 184 -14.62 10.28 -2.86
CA PHE A 184 -15.52 10.84 -1.81
C PHE A 184 -15.49 10.00 -0.54
N GLY A 185 -15.34 10.67 0.59
CA GLY A 185 -15.35 9.93 1.87
C GLY A 185 -14.00 9.31 2.26
N VAL A 186 -13.59 8.29 1.53
CA VAL A 186 -12.36 7.55 1.81
C VAL A 186 -11.74 7.08 0.47
N PRO A 187 -10.41 6.86 0.48
CA PRO A 187 -9.81 6.25 -0.71
C PRO A 187 -10.40 4.86 -0.92
N LYS A 188 -10.54 4.43 -2.16
CA LYS A 188 -11.00 3.09 -2.44
C LYS A 188 -9.79 2.21 -2.71
N ILE A 189 -9.99 0.91 -2.56
CA ILE A 189 -8.88 -0.03 -2.78
C ILE A 189 -8.27 0.12 -4.17
N GLY A 190 -9.11 0.41 -5.19
CA GLY A 190 -8.63 0.59 -6.56
C GLY A 190 -7.78 1.82 -6.83
N HIS A 191 -7.76 2.78 -5.90
CA HIS A 191 -6.80 3.87 -5.96
C HIS A 191 -5.45 3.46 -5.34
N ILE A 192 -5.47 2.42 -4.51
CA ILE A 192 -4.37 2.10 -3.63
C ILE A 192 -3.49 0.97 -4.22
N LEU A 193 -4.14 -0.01 -4.87
CA LEU A 193 -3.47 -1.11 -5.50
C LEU A 193 -3.23 -0.81 -6.98
N PHE A 194 -2.18 -1.37 -7.53
CA PHE A 194 -1.85 -1.17 -8.96
C PHE A 194 -2.59 -2.25 -9.75
N PRO A 195 -2.92 -1.96 -11.01
CA PRO A 195 -2.56 -0.75 -11.79
C PRO A 195 -3.37 0.50 -11.46
N GLY A 196 -4.49 0.33 -10.76
CA GLY A 196 -5.37 1.44 -10.54
C GLY A 196 -4.65 2.62 -9.91
N ARG A 197 -3.72 2.36 -9.01
CA ARG A 197 -3.02 3.43 -8.33
C ARG A 197 -2.30 4.29 -9.34
N ASP A 198 -1.79 3.67 -10.38
CA ASP A 198 -1.06 4.43 -11.38
C ASP A 198 -2.03 5.30 -12.22
N LEU A 199 -3.19 4.76 -12.50
CA LEU A 199 -4.11 5.40 -13.40
C LEU A 199 -4.90 6.56 -12.75
N THR A 200 -4.88 6.58 -11.41
CA THR A 200 -5.54 7.53 -10.55
C THR A 200 -4.83 8.87 -10.60
N GLY A 201 -3.51 8.84 -10.78
CA GLY A 201 -2.69 10.05 -10.74
C GLY A 201 -2.79 10.67 -9.35
N LYS A 202 -2.89 11.99 -9.26
CA LYS A 202 -2.99 12.64 -7.96
C LYS A 202 -4.39 12.43 -7.37
N LEU A 203 -4.47 11.93 -6.14
CA LEU A 203 -5.75 11.65 -5.54
C LEU A 203 -6.10 12.64 -4.47
N LYS A 204 -7.28 13.25 -4.58
CA LYS A 204 -7.86 14.02 -3.48
C LYS A 204 -9.09 13.29 -2.93
N VAL A 205 -9.18 13.21 -1.61
CA VAL A 205 -10.34 12.59 -0.92
C VAL A 205 -11.19 13.70 -0.29
N ALA A 206 -12.42 13.87 -0.81
CA ALA A 206 -13.28 14.95 -0.39
C ALA A 206 -14.27 14.48 0.64
N ASN A 207 -14.50 15.32 1.62
CA ASN A 207 -15.55 15.15 2.56
C ASN A 207 -16.84 15.70 1.91
N ILE A 208 -17.80 14.82 1.65
CA ILE A 208 -19.09 15.22 1.04
C ILE A 208 -20.28 15.12 2.00
N GLY A 209 -20.00 14.95 3.29
CA GLY A 209 -21.03 15.07 4.32
C GLY A 209 -21.43 13.79 5.04
N HIS A 210 -20.77 12.63 4.76
CA HIS A 210 -20.99 11.42 5.57
C HIS A 210 -20.64 11.64 7.03
N PRO A 211 -21.41 11.06 7.95
CA PRO A 211 -21.06 11.11 9.37
C PRO A 211 -19.67 10.59 9.56
N VAL A 212 -18.92 11.29 10.39
CA VAL A 212 -17.54 10.87 10.67
C VAL A 212 -17.43 9.45 11.25
N HIS A 213 -18.41 9.03 12.04
CA HIS A 213 -18.48 7.68 12.60
C HIS A 213 -18.53 6.61 11.52
N LEU A 214 -19.25 6.85 10.44
CA LEU A 214 -19.27 5.89 9.35
C LEU A 214 -17.96 5.81 8.61
N ILE A 215 -17.39 6.97 8.30
CA ILE A 215 -16.11 7.05 7.59
C ILE A 215 -15.04 6.31 8.38
N ASN A 216 -15.18 6.33 9.70
CA ASN A 216 -14.21 5.63 10.58
C ASN A 216 -14.49 4.17 10.85
N SER A 217 -15.65 3.66 10.45
CA SER A 217 -15.96 2.25 10.62
C SER A 217 -15.30 1.38 9.52
N ILE A 218 -14.46 1.98 8.70
CA ILE A 218 -13.78 1.28 7.62
C ILE A 218 -12.64 0.47 8.23
N ASN A 219 -12.46 -0.78 7.83
CA ASN A 219 -11.54 -1.71 8.48
C ASN A 219 -10.17 -1.84 7.75
N ARG A 220 -10.09 -1.25 6.58
CA ARG A 220 -8.89 -1.28 5.80
C ARG A 220 -8.45 0.19 5.71
N TYR A 221 -7.13 0.45 5.77
CA TYR A 221 -6.61 1.82 6.01
C TYR A 221 -5.35 2.02 5.22
N VAL A 222 -5.13 3.23 4.74
CA VAL A 222 -3.84 3.61 4.22
C VAL A 222 -2.91 4.00 5.40
N ILE A 223 -1.67 3.51 5.41
CA ILE A 223 -0.75 3.86 6.52
C ILE A 223 -0.32 5.32 6.30
N THR A 224 -0.54 6.17 7.29
CA THR A 224 -0.21 7.60 7.15
C THR A 224 0.89 8.04 8.08
N ARG A 225 1.43 9.21 7.78
CA ARG A 225 2.49 9.76 8.54
C ARG A 225 2.01 9.91 10.00
N GLU A 226 0.74 10.27 10.19
CA GLU A 226 0.24 10.61 11.53
C GLU A 226 0.11 9.31 12.33
N MET A 227 -0.40 8.30 11.69
CA MET A 227 -0.46 6.98 12.30
C MET A 227 0.95 6.46 12.76
N VAL A 228 1.95 6.57 11.89
CA VAL A 228 3.27 6.09 12.21
C VAL A 228 3.87 6.92 13.33
N ARG A 229 3.70 8.25 13.28
CA ARG A 229 4.22 9.13 14.35
C ARG A 229 3.63 8.73 15.69
N SER A 230 2.34 8.44 15.74
CA SER A 230 1.73 8.06 17.02
C SER A 230 2.16 6.68 17.48
N LEU A 231 2.68 5.81 16.59
CA LEU A 231 3.12 4.49 16.98
C LEU A 231 4.61 4.39 17.38
N LEU A 232 5.44 5.36 16.99
CA LEU A 232 6.84 5.31 17.30
C LEU A 232 7.10 5.14 18.80
N PRO A 233 7.95 4.18 19.20
CA PRO A 233 8.19 4.09 20.67
C PRO A 233 8.82 5.34 21.29
N GLU A 234 8.54 5.54 22.56
CA GLU A 234 9.13 6.60 23.35
C GLU A 234 10.61 6.32 23.64
N ARG A 235 11.37 7.39 23.78
CA ARG A 235 12.79 7.29 24.11
C ARG A 235 12.99 8.02 25.43
N PRO A 236 12.64 7.38 26.58
CA PRO A 236 12.78 8.12 27.83
C PRO A 236 14.26 8.39 28.07
N ARG A 237 14.56 9.56 28.60
CA ARG A 237 15.93 9.97 28.82
C ARG A 237 16.69 9.05 29.74
N ASP A 238 16.02 8.52 30.77
CA ASP A 238 16.72 7.67 31.69
C ASP A 238 16.55 6.25 31.17
N SER A 239 17.38 5.85 30.25
CA SER A 239 17.24 4.56 29.58
C SER A 239 18.64 3.98 29.42
N HIS A 240 18.68 2.73 29.03
CA HIS A 240 19.95 2.07 28.74
C HIS A 240 19.61 1.10 27.60
N LYS A 241 20.61 0.43 27.08
CA LYS A 241 20.36 -0.35 25.93
C LYS A 241 19.29 -1.42 26.14
N GLY A 242 19.23 -2.01 27.34
CA GLY A 242 18.20 -2.98 27.70
C GLY A 242 16.79 -2.40 27.57
N THR A 243 16.61 -1.12 27.85
CA THR A 243 15.33 -0.47 27.54
C THR A 243 14.81 -0.69 26.10
N TYR A 244 15.73 -0.78 25.12
CA TYR A 244 15.38 -0.76 23.72
C TYR A 244 15.46 -2.16 23.11
N GLY A 245 15.54 -3.20 23.96
CA GLY A 245 15.43 -4.57 23.46
C GLY A 245 16.62 -5.17 22.74
N LYS A 246 16.49 -6.47 22.50
CA LYS A 246 17.52 -7.29 21.92
C LYS A 246 16.93 -8.17 20.81
N VAL A 247 17.63 -8.20 19.68
CA VAL A 247 17.27 -8.97 18.50
C VAL A 247 18.35 -10.04 18.23
N LEU A 248 17.92 -11.26 17.91
CA LEU A 248 18.81 -12.28 17.29
C LEU A 248 18.37 -12.43 15.85
N ILE A 249 19.31 -12.34 14.95
CA ILE A 249 19.09 -12.57 13.57
C ILE A 249 19.85 -13.86 13.19
N ILE A 250 19.12 -14.87 12.73
CA ILE A 250 19.66 -16.16 12.24
C ILE A 250 19.61 -16.07 10.71
N ALA A 251 20.77 -15.98 10.08
CA ALA A 251 20.83 -15.59 8.68
C ALA A 251 22.20 -15.93 8.08
N GLY A 252 22.20 -16.00 6.74
CA GLY A 252 23.45 -16.15 5.97
C GLY A 252 23.86 -17.59 5.77
N SER A 253 24.85 -17.73 4.93
CA SER A 253 25.36 -18.99 4.45
C SER A 253 26.63 -18.66 3.67
N ARG A 254 27.32 -19.70 3.24
CA ARG A 254 28.54 -19.54 2.47
C ARG A 254 28.19 -18.87 1.11
N LEU A 255 26.99 -19.12 0.60
CA LEU A 255 26.53 -18.50 -0.64
C LEU A 255 26.10 -17.05 -0.43
N TYR A 256 25.46 -16.75 0.69
CA TYR A 256 24.77 -15.46 0.88
C TYR A 256 25.28 -14.80 2.12
N SER A 257 26.46 -14.17 2.02
CA SER A 257 27.11 -13.63 3.22
C SER A 257 26.71 -12.21 3.56
N GLY A 258 26.08 -11.48 2.65
CA GLY A 258 25.68 -10.10 2.92
C GLY A 258 24.37 -9.89 3.65
N ALA A 259 23.42 -10.80 3.48
CA ALA A 259 22.09 -10.61 4.06
C ALA A 259 22.08 -10.30 5.59
N PRO A 260 22.89 -11.04 6.40
CA PRO A 260 22.93 -10.78 7.87
C PRO A 260 23.27 -9.35 8.28
N VAL A 261 24.19 -8.76 7.54
CA VAL A 261 24.70 -7.46 7.79
C VAL A 261 23.58 -6.40 7.55
N LEU A 262 22.84 -6.56 6.47
CA LEU A 262 21.74 -5.66 6.12
C LEU A 262 20.58 -5.76 7.12
N SER A 263 20.26 -6.97 7.55
CA SER A 263 19.22 -7.14 8.57
C SER A 263 19.60 -6.58 9.92
N GLY A 264 20.82 -6.88 10.35
CA GLY A 264 21.33 -6.41 11.64
C GLY A 264 21.31 -4.91 11.72
N MET A 265 21.85 -4.23 10.71
CA MET A 265 21.84 -2.79 10.73
C MET A 265 20.44 -2.20 10.59
N GLY A 266 19.55 -2.90 9.90
CA GLY A 266 18.15 -2.49 9.87
C GLY A 266 17.58 -2.40 11.31
N SER A 267 17.86 -3.39 12.15
CA SER A 267 17.42 -3.30 13.56
C SER A 267 18.11 -2.16 14.29
N LEU A 268 19.43 -1.96 14.07
CA LEU A 268 20.11 -0.90 14.79
C LEU A 268 19.64 0.51 14.42
N LYS A 269 19.44 0.76 13.13
CA LYS A 269 19.00 2.10 12.65
C LYS A 269 17.60 2.52 13.13
N VAL A 270 16.73 1.57 13.54
CA VAL A 270 15.42 1.92 14.06
C VAL A 270 15.41 2.10 15.60
N GLY A 271 16.56 1.93 16.23
CA GLY A 271 16.74 2.26 17.65
C GLY A 271 16.87 1.09 18.61
N THR A 272 17.08 -0.11 18.08
CA THR A 272 17.24 -1.31 18.94
C THR A 272 18.50 -1.25 19.78
N GLY A 273 18.45 -1.76 20.99
CA GLY A 273 19.54 -1.61 21.91
C GLY A 273 20.70 -2.54 21.59
N LEU A 274 20.38 -3.77 21.30
CA LEU A 274 21.38 -4.77 21.00
C LEU A 274 20.95 -5.71 19.88
N VAL A 275 21.87 -5.96 18.93
CA VAL A 275 21.62 -6.86 17.84
C VAL A 275 22.74 -7.87 17.71
N LYS A 276 22.30 -9.12 17.68
CA LYS A 276 23.18 -10.27 17.55
C LYS A 276 22.83 -11.03 16.30
N LEU A 277 23.83 -11.40 15.52
CA LEU A 277 23.66 -12.26 14.35
C LEU A 277 24.23 -13.63 14.65
N ALA A 278 23.58 -14.66 14.15
CA ALA A 278 24.15 -16.00 14.14
C ALA A 278 24.33 -16.36 12.67
N VAL A 279 25.58 -16.52 12.26
CA VAL A 279 25.94 -16.65 10.85
C VAL A 279 27.05 -17.72 10.74
N PRO A 280 26.99 -18.59 9.70
CA PRO A 280 28.07 -19.59 9.56
C PRO A 280 29.45 -18.96 9.45
N PHE A 281 30.39 -19.48 10.22
CA PHE A 281 31.80 -19.11 10.15
C PHE A 281 32.34 -19.50 8.80
N PRO A 282 33.20 -18.65 8.19
CA PRO A 282 33.74 -17.35 8.59
C PRO A 282 32.94 -16.21 8.06
N GLN A 283 31.76 -16.50 7.49
CA GLN A 283 30.94 -15.45 6.88
C GLN A 283 30.45 -14.50 7.94
N ASN A 284 30.38 -14.92 9.20
CA ASN A 284 30.04 -14.00 10.28
C ASN A 284 30.97 -12.78 10.39
N LEU A 285 32.22 -12.93 10.00
CA LEU A 285 33.18 -11.85 10.11
C LEU A 285 32.97 -10.71 9.11
N ILE A 286 32.21 -10.97 8.05
CA ILE A 286 31.82 -9.98 7.09
C ILE A 286 31.06 -8.87 7.79
N ALA A 287 30.16 -9.22 8.72
CA ALA A 287 29.30 -8.21 9.34
C ALA A 287 30.04 -7.18 10.16
N THR A 288 30.98 -7.64 10.98
CA THR A 288 31.68 -6.76 11.86
C THR A 288 32.78 -5.99 11.14
N SER A 289 33.32 -6.52 10.03
CA SER A 289 34.22 -5.72 9.21
C SER A 289 33.48 -4.49 8.67
N ARG A 290 32.21 -4.61 8.41
CA ARG A 290 31.43 -3.48 7.82
C ARG A 290 30.85 -2.60 8.98
N PHE A 291 30.24 -3.23 9.99
CA PHE A 291 29.62 -2.52 11.09
C PHE A 291 29.99 -3.18 12.44
N PRO A 292 31.05 -2.70 13.07
CA PRO A 292 31.62 -3.29 14.27
C PRO A 292 30.75 -3.16 15.50
N GLU A 293 29.67 -2.37 15.42
CA GLU A 293 28.61 -2.27 16.45
C GLU A 293 27.77 -3.54 16.54
N LEU A 294 27.75 -4.32 15.46
CA LEU A 294 27.03 -5.61 15.49
C LEU A 294 27.80 -6.68 16.26
N ILE A 295 27.08 -7.61 16.85
CA ILE A 295 27.65 -8.82 17.39
C ILE A 295 27.35 -9.88 16.33
N SER A 296 28.39 -10.55 15.86
CA SER A 296 28.19 -11.55 14.81
C SER A 296 28.85 -12.85 15.27
N VAL A 297 28.01 -13.74 15.80
CA VAL A 297 28.42 -14.97 16.44
C VAL A 297 28.76 -16.00 15.34
N PRO A 298 29.95 -16.61 15.38
CA PRO A 298 30.27 -17.62 14.38
C PRO A 298 29.54 -18.95 14.66
N ILE A 299 28.88 -19.53 13.67
CA ILE A 299 28.22 -20.82 13.89
C ILE A 299 29.00 -21.83 13.08
N ASP A 300 29.42 -22.90 13.73
CA ASP A 300 30.25 -23.88 13.06
C ASP A 300 29.32 -24.82 12.30
N THR A 301 29.48 -24.91 10.99
CA THR A 301 28.59 -25.71 10.19
C THR A 301 29.43 -26.67 9.39
N GLU A 302 28.81 -27.73 8.89
CA GLU A 302 29.55 -28.75 8.14
C GLU A 302 29.94 -28.27 6.75
N LYS A 303 29.00 -27.64 6.04
CA LYS A 303 29.15 -27.24 4.63
C LYS A 303 28.71 -25.81 4.35
N GLY A 304 28.65 -24.95 5.35
CA GLY A 304 28.33 -23.53 5.11
C GLY A 304 26.87 -23.16 5.25
N PHE A 305 26.05 -24.11 5.69
CA PHE A 305 24.62 -23.85 5.91
C PHE A 305 24.17 -24.33 7.27
N PHE A 306 23.21 -23.61 7.86
CA PHE A 306 22.56 -24.08 9.07
C PHE A 306 21.96 -25.46 8.84
N SER A 307 22.00 -26.28 9.88
CA SER A 307 21.37 -27.61 9.88
C SER A 307 20.91 -27.90 11.30
N LEU A 308 20.29 -29.06 11.48
CA LEU A 308 19.89 -29.49 12.82
C LEU A 308 21.02 -29.50 13.84
N GLN A 309 22.26 -29.66 13.38
CA GLN A 309 23.39 -29.65 14.29
C GLN A 309 23.52 -28.28 15.02
N ASN A 310 22.90 -27.23 14.48
CA ASN A 310 23.00 -25.93 15.09
C ASN A 310 21.76 -25.55 15.89
N LEU A 311 20.79 -26.45 15.99
CA LEU A 311 19.52 -26.15 16.65
C LEU A 311 19.75 -25.73 18.10
N GLN A 312 20.51 -26.51 18.83
CA GLN A 312 20.64 -26.28 20.25
C GLN A 312 21.34 -24.92 20.49
N GLU A 313 22.40 -24.63 19.75
CA GLU A 313 23.11 -23.35 19.94
C GLU A 313 22.19 -22.14 19.62
N CYS A 314 21.37 -22.25 18.58
CA CYS A 314 20.47 -21.18 18.24
C CYS A 314 19.37 -20.96 19.31
N LEU A 315 18.85 -22.04 19.87
CA LEU A 315 17.89 -21.90 20.99
C LEU A 315 18.53 -21.27 22.21
N GLU A 316 19.78 -21.61 22.53
CA GLU A 316 20.45 -20.96 23.67
C GLU A 316 20.64 -19.46 23.46
N LEU A 317 21.10 -19.09 22.26
CA LEU A 317 21.28 -17.73 21.86
C LEU A 317 19.94 -16.95 21.94
N SER A 318 18.83 -17.62 21.67
CA SER A 318 17.54 -16.96 21.67
C SER A 318 16.97 -16.68 23.08
N LYS A 319 17.48 -17.36 24.11
CA LYS A 319 16.96 -17.16 25.47
C LYS A 319 17.17 -15.73 25.96
N ASP A 320 18.25 -15.09 25.55
CA ASP A 320 18.61 -13.78 26.04
C ASP A 320 18.13 -12.65 25.11
N VAL A 321 17.17 -12.90 24.20
CA VAL A 321 16.70 -11.84 23.32
C VAL A 321 15.20 -11.73 23.40
N ASP A 322 14.66 -10.65 22.83
CA ASP A 322 13.22 -10.41 22.83
C ASP A 322 12.54 -10.91 21.57
N VAL A 323 13.27 -10.94 20.46
CA VAL A 323 12.72 -11.30 19.16
C VAL A 323 13.81 -11.98 18.35
N VAL A 324 13.41 -12.93 17.51
CA VAL A 324 14.29 -13.57 16.59
C VAL A 324 13.79 -13.38 15.15
N ALA A 325 14.67 -12.86 14.28
CA ALA A 325 14.47 -12.84 12.82
C ALA A 325 15.28 -13.98 12.22
N ILE A 326 14.69 -14.66 11.27
CA ILE A 326 15.29 -15.82 10.60
C ILE A 326 14.95 -15.82 9.12
N GLY A 327 15.94 -16.18 8.28
CA GLY A 327 15.72 -16.49 6.89
C GLY A 327 16.58 -15.87 5.81
N PRO A 328 16.92 -14.58 5.94
CA PRO A 328 17.70 -13.93 4.85
C PRO A 328 19.04 -14.64 4.62
N GLY A 329 19.24 -15.06 3.38
CA GLY A 329 20.48 -15.72 2.98
C GLY A 329 20.75 -17.09 3.57
N LEU A 330 19.74 -17.77 4.12
CA LEU A 330 20.01 -19.11 4.69
C LEU A 330 20.27 -20.17 3.63
N GLY A 331 19.75 -19.96 2.44
CA GLY A 331 19.81 -21.00 1.43
C GLY A 331 18.58 -21.87 1.63
N ASN A 332 18.28 -22.66 0.64
CA ASN A 332 17.11 -23.49 0.66
C ASN A 332 17.52 -24.91 0.26
N ASN A 333 17.83 -25.75 1.24
CA ASN A 333 18.07 -27.19 1.04
C ASN A 333 17.40 -27.90 2.21
N GLU A 334 17.43 -29.21 2.18
CA GLU A 334 16.69 -30.01 3.13
C GLU A 334 17.14 -29.83 4.57
N HIS A 335 18.44 -29.64 4.78
CA HIS A 335 18.96 -29.46 6.13
C HIS A 335 18.57 -28.11 6.71
N VAL A 336 18.52 -27.09 5.86
CA VAL A 336 17.98 -25.79 6.27
C VAL A 336 16.49 -25.90 6.62
N ARG A 337 15.71 -26.56 5.78
CA ARG A 337 14.29 -26.84 6.05
C ARG A 337 14.06 -27.52 7.41
N GLU A 338 14.86 -28.56 7.71
CA GLU A 338 14.77 -29.27 9.00
C GLU A 338 15.07 -28.35 10.15
N PHE A 339 16.16 -27.61 10.04
CA PHE A 339 16.54 -26.67 11.07
C PHE A 339 15.47 -25.59 11.30
N VAL A 340 15.07 -24.90 10.25
CA VAL A 340 14.13 -23.80 10.38
C VAL A 340 12.83 -24.23 11.08
N ASN A 341 12.23 -25.35 10.63
CA ASN A 341 10.95 -25.82 11.15
C ASN A 341 11.09 -26.30 12.59
N GLU A 342 12.13 -27.08 12.90
CA GLU A 342 12.35 -27.47 14.29
C GLU A 342 12.65 -26.28 15.19
N PHE A 343 13.42 -25.32 14.69
CA PHE A 343 13.70 -24.14 15.47
C PHE A 343 12.42 -23.41 15.82
N LEU A 344 11.64 -23.05 14.80
CA LEU A 344 10.42 -22.24 15.01
C LEU A 344 9.39 -22.97 15.85
N LYS A 345 9.30 -24.28 15.69
CA LYS A 345 8.43 -25.09 16.51
C LYS A 345 8.83 -25.00 18.00
N THR A 346 10.10 -24.83 18.29
CA THR A 346 10.55 -24.82 19.67
C THR A 346 10.71 -23.40 20.23
N LEU A 347 10.98 -22.43 19.37
CA LEU A 347 11.23 -21.08 19.84
C LEU A 347 10.00 -20.42 20.49
N GLU A 348 10.12 -20.05 21.77
CA GLU A 348 9.04 -19.34 22.45
C GLU A 348 9.34 -17.85 22.56
N LYS A 349 9.58 -17.24 21.40
CA LYS A 349 9.77 -15.81 21.27
C LYS A 349 9.05 -15.41 19.98
N PRO A 350 8.67 -14.13 19.87
CA PRO A 350 8.21 -13.63 18.57
C PRO A 350 9.25 -13.90 17.49
N ALA A 351 8.78 -14.25 16.31
CA ALA A 351 9.64 -14.59 15.18
C ALA A 351 9.29 -13.70 14.00
N VAL A 352 10.31 -13.18 13.30
CA VAL A 352 10.12 -12.50 12.05
C VAL A 352 10.71 -13.46 10.99
N ILE A 353 9.84 -13.90 10.07
CA ILE A 353 10.18 -15.01 9.18
C ILE A 353 10.22 -14.46 7.75
N ASP A 354 11.39 -14.51 7.10
CA ASP A 354 11.62 -13.91 5.79
C ASP A 354 12.34 -14.90 4.86
N ALA A 355 12.22 -14.63 3.56
CA ALA A 355 13.14 -15.11 2.52
C ALA A 355 13.17 -16.62 2.57
N ASP A 356 14.35 -17.21 2.73
CA ASP A 356 14.48 -18.67 2.65
C ASP A 356 13.81 -19.43 3.77
N ALA A 357 13.68 -18.82 4.96
CA ALA A 357 12.85 -19.39 6.03
C ALA A 357 11.37 -19.53 5.61
N ILE A 358 10.86 -18.61 4.78
CA ILE A 358 9.52 -18.78 4.17
C ILE A 358 9.49 -19.93 3.16
N ASN A 359 10.45 -19.94 2.24
CA ASN A 359 10.56 -21.00 1.21
C ASN A 359 10.59 -22.43 1.77
N VAL A 360 11.07 -22.64 3.01
CA VAL A 360 11.13 -23.96 3.58
C VAL A 360 10.09 -24.17 4.68
N LEU A 361 9.31 -23.14 4.98
CA LEU A 361 8.40 -23.19 6.09
C LEU A 361 7.34 -24.25 5.93
N ASP A 362 7.13 -25.01 6.97
CA ASP A 362 5.94 -25.84 7.09
C ASP A 362 4.85 -25.03 7.81
N THR A 363 3.76 -24.72 7.15
CA THR A 363 2.80 -23.80 7.78
C THR A 363 2.06 -24.41 9.00
N SER A 364 2.08 -25.73 9.11
CA SER A 364 1.60 -26.43 10.33
C SER A 364 2.29 -25.90 11.55
N VAL A 365 3.59 -25.69 11.42
CA VAL A 365 4.40 -25.11 12.48
C VAL A 365 3.87 -23.78 12.97
N LEU A 366 3.38 -22.91 12.09
CA LEU A 366 2.85 -21.60 12.55
C LEU A 366 1.63 -21.71 13.39
N LYS A 367 0.79 -22.67 13.04
CA LYS A 367 -0.42 -22.91 13.79
C LYS A 367 -0.11 -23.45 15.16
N GLU A 368 0.97 -24.22 15.31
CA GLU A 368 1.24 -24.78 16.64
C GLU A 368 1.99 -23.81 17.58
N ARG A 369 2.56 -22.73 17.04
CA ARG A 369 3.36 -21.83 17.85
C ARG A 369 2.44 -21.10 18.80
N LYS A 370 2.82 -21.01 20.06
CA LYS A 370 2.10 -20.17 21.01
C LYS A 370 2.57 -18.72 20.84
N SER A 371 3.82 -18.52 20.48
CA SER A 371 4.36 -17.19 20.31
C SER A 371 3.97 -16.58 18.95
N PRO A 372 3.99 -15.23 18.87
CA PRO A 372 3.66 -14.52 17.62
C PRO A 372 4.69 -14.69 16.49
N ALA A 373 4.26 -14.39 15.28
CA ALA A 373 5.13 -14.33 14.13
C ALA A 373 4.67 -13.26 13.17
N VAL A 374 5.63 -12.71 12.44
CA VAL A 374 5.37 -11.92 11.27
C VAL A 374 6.08 -12.60 10.09
N LEU A 375 5.37 -12.76 8.96
CA LEU A 375 5.94 -13.29 7.71
C LEU A 375 6.02 -12.19 6.70
N THR A 376 7.15 -12.09 5.99
CA THR A 376 7.39 -10.99 5.06
C THR A 376 7.72 -11.45 3.64
N PRO A 377 6.80 -12.16 2.97
CA PRO A 377 7.06 -12.59 1.60
C PRO A 377 6.83 -11.52 0.53
N HIS A 378 7.64 -11.55 -0.54
CA HIS A 378 7.19 -10.99 -1.83
C HIS A 378 6.22 -11.98 -2.49
N PRO A 379 5.53 -11.56 -3.55
CA PRO A 379 4.53 -12.43 -4.14
C PRO A 379 5.02 -13.80 -4.61
N GLY A 380 6.24 -13.88 -5.11
CA GLY A 380 6.80 -15.20 -5.50
C GLY A 380 6.91 -16.14 -4.31
N GLU A 381 7.35 -15.60 -3.19
CA GLU A 381 7.45 -16.38 -1.96
C GLU A 381 6.05 -16.75 -1.43
N MET A 382 5.11 -15.81 -1.47
CA MET A 382 3.72 -16.08 -1.06
C MET A 382 3.10 -17.13 -1.98
N ALA A 383 3.29 -16.98 -3.27
CA ALA A 383 2.80 -17.96 -4.23
C ALA A 383 3.29 -19.38 -3.85
N ARG A 384 4.60 -19.56 -3.68
CA ARG A 384 5.15 -20.88 -3.28
C ARG A 384 4.58 -21.29 -1.91
N LEU A 385 4.44 -20.35 -0.98
CA LEU A 385 3.97 -20.72 0.36
C LEU A 385 2.53 -21.30 0.32
N VAL A 386 1.60 -20.72 -0.45
CA VAL A 386 0.23 -21.24 -0.46
C VAL A 386 -0.01 -22.08 -1.73
N LYS A 387 1.03 -22.29 -2.53
CA LYS A 387 0.86 -23.16 -3.75
C LYS A 387 -0.11 -22.59 -4.79
N LYS A 388 -0.02 -21.29 -5.05
CA LYS A 388 -0.78 -20.64 -6.09
C LYS A 388 0.18 -19.91 -7.06
N THR A 389 -0.36 -19.27 -8.09
CA THR A 389 0.45 -18.57 -9.04
C THR A 389 0.68 -17.18 -8.45
N VAL A 390 1.77 -16.54 -8.86
CA VAL A 390 2.05 -15.14 -8.52
C VAL A 390 0.85 -14.25 -8.82
N GLY A 391 0.28 -14.36 -10.02
CA GLY A 391 -0.91 -13.62 -10.43
C GLY A 391 -2.15 -13.77 -9.54
N ASP A 392 -2.34 -14.92 -8.92
CA ASP A 392 -3.44 -15.15 -8.01
C ASP A 392 -3.20 -14.53 -6.62
N VAL A 393 -1.95 -14.35 -6.21
CA VAL A 393 -1.68 -13.85 -4.87
C VAL A 393 -1.32 -12.36 -4.88
N LYS A 394 -0.84 -11.85 -6.01
CA LYS A 394 -0.34 -10.49 -6.03
C LYS A 394 -1.48 -9.50 -5.74
N TYR A 395 -1.31 -8.63 -4.76
CA TYR A 395 -2.39 -7.66 -4.37
C TYR A 395 -3.67 -8.33 -3.93
N ASN A 396 -3.61 -9.62 -3.58
CA ASN A 396 -4.83 -10.33 -3.16
C ASN A 396 -4.98 -10.16 -1.64
N TYR A 397 -5.55 -9.04 -1.25
CA TYR A 397 -5.62 -8.74 0.19
C TYR A 397 -6.53 -9.71 0.92
N GLU A 398 -7.60 -10.24 0.29
CA GLU A 398 -8.47 -11.19 0.98
C GLU A 398 -7.75 -12.49 1.28
N LEU A 399 -6.93 -12.98 0.35
CA LEU A 399 -6.11 -14.15 0.62
C LEU A 399 -5.09 -13.87 1.69
N ALA A 400 -4.46 -12.69 1.67
CA ALA A 400 -3.55 -12.37 2.77
C ALA A 400 -4.26 -12.39 4.13
N GLU A 401 -5.43 -11.79 4.20
CA GLU A 401 -6.25 -11.78 5.43
C GLU A 401 -6.57 -13.20 5.94
N GLU A 402 -7.07 -14.06 5.05
CA GLU A 402 -7.38 -15.46 5.42
C GLU A 402 -6.14 -16.18 5.93
N PHE A 403 -5.03 -16.04 5.21
CA PHE A 403 -3.81 -16.68 5.64
C PHE A 403 -3.42 -16.21 7.06
N ALA A 404 -3.46 -14.89 7.30
CA ALA A 404 -3.02 -14.34 8.58
C ALA A 404 -3.93 -14.89 9.67
N LYS A 405 -5.23 -14.87 9.39
CA LYS A 405 -6.22 -15.33 10.37
C LYS A 405 -6.05 -16.85 10.65
N GLU A 406 -5.97 -17.68 9.61
CA GLU A 406 -5.78 -19.14 9.78
C GLU A 406 -4.49 -19.56 10.46
N ASN A 407 -3.44 -18.77 10.29
CA ASN A 407 -2.14 -19.15 10.83
C ASN A 407 -1.74 -18.32 12.04
N ASP A 408 -2.66 -17.49 12.52
CA ASP A 408 -2.42 -16.66 13.69
C ASP A 408 -1.15 -15.80 13.58
N CYS A 409 -0.93 -15.17 12.45
CA CYS A 409 0.29 -14.38 12.25
C CYS A 409 -0.04 -13.02 11.66
N VAL A 410 0.99 -12.19 11.50
CA VAL A 410 0.88 -10.97 10.73
C VAL A 410 1.54 -11.31 9.43
N LEU A 411 0.88 -10.94 8.34
CA LEU A 411 1.42 -11.12 7.01
C LEU A 411 1.70 -9.78 6.40
N VAL A 412 2.94 -9.64 5.95
CA VAL A 412 3.39 -8.45 5.25
C VAL A 412 3.71 -8.90 3.82
N LEU A 413 2.77 -8.66 2.92
CA LEU A 413 2.92 -9.03 1.49
C LEU A 413 3.50 -7.86 0.73
N LYS A 414 4.79 -7.97 0.38
CA LYS A 414 5.57 -6.86 -0.20
C LYS A 414 5.26 -6.61 -1.69
N SER A 415 5.18 -5.35 -2.10
CA SER A 415 5.03 -4.95 -3.51
C SER A 415 5.02 -3.43 -3.48
N ALA A 416 4.84 -2.77 -4.62
CA ALA A 416 4.92 -1.33 -4.63
C ALA A 416 3.89 -0.75 -3.64
N THR A 417 2.73 -1.39 -3.52
CA THR A 417 1.85 -1.19 -2.40
C THR A 417 1.94 -2.44 -1.56
N THR A 418 2.35 -2.26 -0.31
CA THR A 418 2.53 -3.38 0.60
C THR A 418 1.28 -3.51 1.46
N ILE A 419 0.85 -4.77 1.62
CA ILE A 419 -0.30 -5.12 2.43
C ILE A 419 0.18 -5.71 3.76
N VAL A 420 -0.33 -5.19 4.87
CA VAL A 420 0.04 -5.63 6.22
C VAL A 420 -1.26 -6.02 6.88
N THR A 421 -1.38 -7.27 7.30
CA THR A 421 -2.67 -7.69 7.90
C THR A 421 -2.44 -8.73 9.00
N ASP A 422 -3.30 -8.71 10.00
CA ASP A 422 -3.39 -9.79 10.95
C ASP A 422 -4.72 -10.54 10.78
N GLY A 423 -5.44 -10.29 9.70
CA GLY A 423 -6.68 -11.01 9.50
C GLY A 423 -7.90 -10.23 9.96
N GLU A 424 -7.71 -9.21 10.80
CA GLU A 424 -8.82 -8.42 11.31
C GLU A 424 -8.68 -6.99 10.85
N LYS A 425 -7.46 -6.50 10.90
CA LYS A 425 -7.11 -5.19 10.45
C LYS A 425 -6.14 -5.36 9.25
N THR A 426 -6.35 -4.60 8.20
CA THR A 426 -5.50 -4.58 7.02
C THR A 426 -5.08 -3.14 6.74
N LEU A 427 -3.77 -2.92 6.65
CA LEU A 427 -3.21 -1.64 6.28
C LEU A 427 -2.47 -1.69 4.92
N PHE A 428 -2.55 -0.59 4.17
CA PHE A 428 -1.85 -0.51 2.90
C PHE A 428 -0.77 0.55 2.98
N ASN A 429 0.42 0.18 2.52
CA ASN A 429 1.55 1.13 2.48
C ASN A 429 1.81 1.60 1.06
N ILE A 430 1.88 2.92 0.88
CA ILE A 430 2.15 3.52 -0.39
C ILE A 430 3.46 4.34 -0.47
N THR A 431 4.33 4.30 0.53
CA THR A 431 5.62 4.98 0.41
C THR A 431 6.60 4.12 -0.31
N GLY A 432 7.68 4.70 -0.80
CA GLY A 432 8.73 3.93 -1.51
C GLY A 432 8.82 4.30 -2.98
N ASN A 433 9.77 3.68 -3.68
CA ASN A 433 9.92 3.87 -5.12
C ASN A 433 10.65 2.66 -5.67
N THR A 434 10.96 2.66 -6.98
CA THR A 434 11.59 1.50 -7.59
C THR A 434 13.05 1.25 -7.19
N GLY A 435 13.66 2.14 -6.37
CA GLY A 435 14.99 1.84 -5.90
C GLY A 435 15.00 0.69 -4.90
N LEU A 436 13.82 0.34 -4.36
CA LEU A 436 13.68 -0.80 -3.45
C LEU A 436 13.56 -2.13 -4.19
N SER A 437 13.36 -2.09 -5.51
CA SER A 437 13.30 -3.27 -6.34
C SER A 437 14.73 -3.74 -6.70
N LYS A 438 15.43 -4.18 -5.69
CA LYS A 438 16.82 -4.53 -5.80
C LYS A 438 17.20 -5.40 -4.59
N GLY A 439 17.99 -6.43 -4.82
CA GLY A 439 18.54 -7.25 -3.74
C GLY A 439 18.99 -6.46 -2.52
N GLY A 440 18.50 -6.88 -1.37
CA GLY A 440 18.98 -6.28 -0.11
C GLY A 440 17.91 -5.50 0.61
N SER A 441 16.94 -4.98 -0.13
CA SER A 441 15.87 -4.11 0.40
C SER A 441 15.06 -4.82 1.47
N GLY A 442 14.67 -6.04 1.12
CA GLY A 442 13.89 -6.87 1.98
C GLY A 442 14.65 -7.25 3.22
N ASP A 443 15.96 -7.46 3.11
CA ASP A 443 16.71 -7.87 4.27
C ASP A 443 16.69 -6.70 5.33
N VAL A 444 16.78 -5.47 4.87
CA VAL A 444 16.68 -4.30 5.74
C VAL A 444 15.35 -4.26 6.45
N LEU A 445 14.25 -4.43 5.71
CA LEU A 445 12.92 -4.36 6.32
C LEU A 445 12.74 -5.43 7.41
N THR A 446 13.25 -6.63 7.18
CA THR A 446 13.17 -7.69 8.20
C THR A 446 13.79 -7.26 9.56
N GLY A 447 14.99 -6.66 9.49
CA GLY A 447 15.64 -6.10 10.61
C GLY A 447 14.84 -4.98 11.29
N MET A 448 14.30 -4.06 10.50
CA MET A 448 13.45 -3.00 11.06
C MET A 448 12.28 -3.56 11.85
N ILE A 449 11.58 -4.52 11.26
CA ILE A 449 10.41 -5.08 11.96
C ILE A 449 10.81 -5.73 13.31
N ALA A 450 11.85 -6.57 13.29
CA ALA A 450 12.37 -7.24 14.49
C ALA A 450 12.70 -6.19 15.51
N GLY A 451 13.34 -5.11 15.07
CA GLY A 451 13.77 -4.05 15.96
C GLY A 451 12.63 -3.34 16.69
N PHE A 452 11.58 -3.05 15.96
CA PHE A 452 10.45 -2.38 16.59
C PHE A 452 9.72 -3.32 17.53
N ILE A 453 9.69 -4.60 17.20
CA ILE A 453 9.11 -5.56 18.12
C ILE A 453 9.92 -5.60 19.42
N ALA A 454 11.22 -5.64 19.30
CA ALA A 454 12.11 -5.61 20.43
C ALA A 454 11.88 -4.39 21.33
N GLN A 455 11.51 -3.26 20.71
CA GLN A 455 11.27 -2.03 21.45
C GLN A 455 9.87 -1.95 22.04
N GLY A 456 9.04 -2.96 21.85
CA GLY A 456 7.76 -3.03 22.56
C GLY A 456 6.57 -2.87 21.65
N LEU A 457 6.73 -2.63 20.34
CA LEU A 457 5.56 -2.59 19.47
C LEU A 457 5.03 -4.01 19.25
N SER A 458 3.71 -4.15 19.18
CA SER A 458 3.10 -5.38 18.72
C SER A 458 3.63 -5.76 17.31
N PRO A 459 3.59 -7.05 16.98
CA PRO A 459 3.94 -7.46 15.57
C PRO A 459 3.26 -6.64 14.44
N LEU A 460 1.97 -6.35 14.59
CA LEU A 460 1.25 -5.58 13.60
C LEU A 460 1.75 -4.13 13.57
N GLU A 461 1.88 -3.51 14.74
CA GLU A 461 2.39 -2.12 14.84
C GLU A 461 3.79 -2.02 14.31
N ALA A 462 4.65 -2.97 14.68
CA ALA A 462 6.02 -2.99 14.19
C ALA A 462 6.08 -3.06 12.67
N SER A 463 5.20 -3.88 12.11
CA SER A 463 5.14 -4.07 10.67
C SER A 463 4.64 -2.80 9.97
N THR A 464 3.67 -2.11 10.58
CA THR A 464 3.07 -0.91 10.00
C THR A 464 4.09 0.25 9.91
N VAL A 465 4.81 0.41 11.00
CA VAL A 465 5.78 1.49 11.15
C VAL A 465 6.97 1.21 10.22
N SER A 466 7.38 -0.06 10.13
CA SER A 466 8.56 -0.43 9.39
C SER A 466 8.34 -0.31 7.88
N VAL A 467 7.21 -0.79 7.38
CA VAL A 467 6.97 -0.66 5.92
C VAL A 467 6.92 0.80 5.48
N TYR A 468 6.29 1.64 6.28
CA TYR A 468 6.25 3.06 5.99
C TYR A 468 7.62 3.74 5.96
N LEU A 469 8.38 3.60 7.04
CA LEU A 469 9.70 4.25 7.17
C LEU A 469 10.66 3.70 6.15
N HIS A 470 10.56 2.40 5.82
CA HIS A 470 11.44 1.75 4.78
C HIS A 470 11.20 2.42 3.42
N GLY A 471 9.93 2.57 3.05
CA GLY A 471 9.59 3.26 1.80
C GLY A 471 9.95 4.73 1.81
N PHE A 472 9.66 5.42 2.90
CA PHE A 472 9.96 6.84 3.01
C PHE A 472 11.49 7.13 2.97
N ALA A 473 12.31 6.33 3.66
CA ALA A 473 13.77 6.42 3.54
C ALA A 473 14.23 6.36 2.04
N ALA A 474 13.66 5.44 1.26
CA ALA A 474 13.93 5.29 -0.18
C ALA A 474 13.62 6.59 -0.91
N GLU A 475 12.55 7.30 -0.54
CA GLU A 475 12.22 8.52 -1.21
C GLU A 475 13.14 9.65 -0.84
N LEU A 476 13.92 9.53 0.22
CA LEU A 476 14.77 10.61 0.66
C LEU A 476 16.10 10.50 -0.04
N PHE A 477 16.35 9.45 -0.80
CA PHE A 477 17.59 9.34 -1.54
C PHE A 477 17.71 10.55 -2.46
N GLU A 478 18.89 11.15 -2.49
CA GLU A 478 19.07 12.45 -3.11
C GLU A 478 19.36 12.34 -4.62
N GLN A 479 19.74 11.17 -5.10
CA GLN A 479 20.05 11.08 -6.51
C GLN A 479 18.97 10.19 -7.17
N ASP A 480 19.17 9.74 -8.42
CA ASP A 480 18.12 8.95 -9.08
C ASP A 480 17.83 7.62 -8.37
N GLU A 481 16.56 7.31 -8.24
CA GLU A 481 16.14 6.17 -7.40
C GLU A 481 16.71 4.88 -7.90
N ARG A 482 16.99 4.76 -9.19
CA ARG A 482 17.47 3.49 -9.64
C ARG A 482 18.85 3.11 -9.14
N GLY A 483 19.62 4.10 -8.64
CA GLY A 483 20.89 3.85 -8.07
C GLY A 483 20.85 3.61 -6.59
N LEU A 484 19.68 3.59 -5.95
CA LEU A 484 19.59 3.35 -4.50
C LEU A 484 20.02 1.91 -4.24
N THR A 485 20.82 1.72 -3.21
CA THR A 485 21.17 0.38 -2.72
C THR A 485 20.82 0.32 -1.24
N ALA A 486 20.74 -0.91 -0.74
CA ALA A 486 20.40 -1.17 0.64
C ALA A 486 21.28 -0.46 1.66
N SER A 487 22.56 -0.34 1.37
CA SER A 487 23.50 0.33 2.23
C SER A 487 23.13 1.83 2.35
N GLU A 488 22.69 2.42 1.24
CA GLU A 488 22.30 3.81 1.25
C GLU A 488 20.97 3.92 2.00
N LEU A 489 20.10 2.93 1.81
CA LEU A 489 18.82 2.95 2.49
C LEU A 489 18.99 2.99 3.98
N LEU A 490 19.88 2.14 4.49
CA LEU A 490 20.21 2.11 5.90
C LEU A 490 20.62 3.49 6.44
N ARG A 491 21.46 4.19 5.65
CA ARG A 491 21.93 5.53 6.00
C ARG A 491 20.76 6.50 6.13
N LEU A 492 19.71 6.27 5.35
CA LEU A 492 18.60 7.20 5.25
C LEU A 492 17.47 6.98 6.29
N ILE A 493 17.45 5.81 6.91
CA ILE A 493 16.48 5.50 7.93
C ILE A 493 16.34 6.56 9.07
N PRO A 494 17.44 6.97 9.73
CA PRO A 494 17.28 7.95 10.81
C PRO A 494 16.76 9.31 10.35
N GLU A 495 17.03 9.66 9.09
CA GLU A 495 16.44 10.84 8.51
C GLU A 495 14.91 10.67 8.29
N ALA A 496 14.48 9.50 7.81
CA ALA A 496 13.07 9.23 7.69
C ALA A 496 12.38 9.37 9.08
N ILE A 497 13.00 8.81 10.11
CA ILE A 497 12.48 8.93 11.47
C ILE A 497 12.39 10.39 11.88
N ARG A 498 13.45 11.15 11.68
CA ARG A 498 13.42 12.57 12.08
C ARG A 498 12.34 13.28 11.31
N ARG A 499 12.20 13.00 10.01
CA ARG A 499 11.15 13.70 9.24
C ARG A 499 9.72 13.35 9.64
N LEU A 500 9.47 12.17 10.19
CA LEU A 500 8.13 11.89 10.75
C LEU A 500 7.72 12.85 11.82
N LYS A 501 8.71 13.31 12.58
CA LYS A 501 8.53 14.24 13.70
C LYS A 501 8.99 15.62 13.32
N ALA B 1 -7.67 21.47 5.50
CA ALA B 1 -8.14 20.04 5.66
C ALA B 1 -9.63 19.74 5.84
N TRP B 2 -10.54 20.71 5.99
CA TRP B 2 -11.96 20.30 6.20
C TRP B 2 -12.52 19.58 4.96
N LEU B 3 -12.20 20.08 3.76
CA LEU B 3 -12.73 19.51 2.53
C LEU B 3 -11.95 18.28 1.98
N PHE B 4 -10.63 18.39 1.96
CA PHE B 4 -9.79 17.45 1.22
C PHE B 4 -8.76 16.81 2.14
N GLU B 5 -8.61 15.50 2.03
CA GLU B 5 -7.36 14.80 2.40
C GLU B 5 -6.48 14.53 1.14
N ALA B 6 -5.17 14.78 1.23
CA ALA B 6 -4.24 14.92 0.03
C ALA B 6 -3.75 13.59 -0.53
K K C . -15.21 8.16 -13.48
MG MG D . 13.39 -10.85 0.31
N9A BA3 E . -22.13 0.04 -16.88
C8A BA3 E . -21.51 -0.60 -15.82
N7A BA3 E . -20.55 -1.41 -16.30
C5A BA3 E . -20.56 -1.32 -17.66
C6A BA3 E . -19.79 -1.95 -18.63
N6A BA3 E . -18.76 -2.71 -18.21
N1A BA3 E . -20.00 -1.67 -19.96
C2A BA3 E . -20.99 -0.78 -20.33
N3A BA3 E . -21.74 -0.15 -19.36
C4A BA3 E . -21.55 -0.42 -18.05
O5B BA3 E . -22.34 3.57 -13.36
C5B BA3 E . -22.74 2.22 -13.51
C4B BA3 E . -23.69 2.04 -14.70
O4B BA3 E . -22.97 2.13 -15.91
C3B BA3 E . -24.32 0.62 -14.67
O3B BA3 E . -25.57 0.50 -14.01
C2B BA3 E . -24.42 0.24 -16.15
O2B BA3 E . -25.62 0.64 -16.73
C1B BA3 E . -23.25 1.02 -16.76
PE BA3 E . -21.99 4.13 -11.89
O1E BA3 E . -22.31 5.59 -11.77
O2E BA3 E . -20.57 3.74 -11.48
O3E BA3 E . -23.07 3.29 -11.07
PF BA3 E . -23.92 3.89 -9.86
O1F BA3 E . -25.10 4.64 -10.40
O2F BA3 E . -22.99 4.77 -9.03
O3F BA3 E . -24.31 2.45 -9.25
PG BA3 E . -23.69 1.80 -7.92
O1G BA3 E . -22.17 1.77 -7.86
O2G BA3 E . -24.25 0.39 -7.81
O5D BA3 E . -24.25 2.78 -6.75
O3E BA3 F . 15.93 -9.00 -2.83
PF BA3 F . 15.10 -8.18 -1.72
O1F BA3 F . 15.75 -8.42 -0.35
O2F BA3 F . 14.99 -6.71 -2.00
O3F BA3 F . 13.66 -8.84 -2.06
PG BA3 F . 12.19 -8.41 -1.45
O1G BA3 F . 11.28 -8.43 -2.68
O2G BA3 F . 11.89 -9.34 -0.30
O5D BA3 F . 12.16 -6.93 -0.78
C5D BA3 F . 11.82 -5.77 -1.52
C4D BA3 F . 11.35 -4.63 -0.62
O4D BA3 F . 11.24 -3.49 -1.45
C3D BA3 F . 9.91 -4.80 -0.11
O3D BA3 F . 9.66 -4.07 1.05
C2D BA3 F . 9.00 -4.19 -1.15
O2D BA3 F . 7.86 -3.69 -0.54
C1D BA3 F . 9.86 -3.08 -1.68
N9G BA3 F . 9.62 -2.72 -3.09
C8G BA3 F . 9.99 -3.46 -4.20
N7G BA3 F . 9.64 -2.76 -5.30
C5G BA3 F . 9.07 -1.59 -4.91
C6G BA3 F . 8.54 -0.52 -5.64
N6G BA3 F . 8.67 -0.51 -6.97
N1G BA3 F . 8.01 0.56 -4.94
C2G BA3 F . 7.99 0.59 -3.54
N3G BA3 F . 8.51 -0.48 -2.82
C4G BA3 F . 9.05 -1.55 -3.50
C1 GOL G . -22.72 10.56 -4.53
O1 GOL G . -23.37 11.08 -5.66
C2 GOL G . -21.35 10.00 -4.96
O2 GOL G . -21.27 9.62 -6.32
C3 GOL G . -21.03 8.76 -4.15
O3 GOL G . -21.46 8.97 -2.83
#